data_6TCW
#
_entry.id   6TCW
#
_cell.length_a   76.250
_cell.length_b   133.440
_cell.length_c   49.460
_cell.angle_alpha   90.000
_cell.angle_beta   90.000
_cell.angle_gamma   90.000
#
_symmetry.space_group_name_H-M   'P 21 21 2'
#
loop_
_entity.id
_entity.type
_entity.pdbx_description
1 polymer 'Endo-beta-N-acetylglucosaminidase F1'
2 branched alpha-D-mannopyranose-(1-3)-[alpha-D-mannopyranose-(1-6)]alpha-D-mannopyranose-(1-6)-[alpha-D-mannopyranose-(1-3)]beta-D-mannopyranose-(1-4)-2-acetamido-2-deoxy-beta-D-glucopyranose
3 non-polymer GLYCEROL
4 non-polymer 'CALCIUM ION'
5 water water
#
_entity_poly.entity_id   1
_entity_poly.type   'polypeptide(L)'
_entity_poly.pdbx_seq_one_letter_code
;GDDLEVGKNIDESAYSGIYENNAYLRDGKSNLVSKVVELHGETYATTVKMGLSKTPNTATSAKVKIDAAYLETYNKAHNT
DFALYPQDLVTFANEGILTVNANTKSAEVEMTIRAGEGLQEDKTYAIPVAISDQSSDITIKDEDAKHCIYLVKDMRNAGD
AYKGEGVMQGYLFFEVNDVNPLNTLSFQLENGKLLWDVVVLFAANINYDAEAGRPRVQCNPNVQYLLDNNETLLQPLRRR
GVKVLLGLLGNHDITGLAQLSEQGAKDFAREVAQYCKAYNLDGVNYDDEYSNSPDLSNPSLTNPSTAAAARLCYETKQAM
PDKLVTVFDWGQMYGVATVDGVDAKEWIDIVVANYGSAAYPIGQMTKKQCSGISMEFNLGGGGSLSASKAQSMIDGGYGW
FMGFAPSPAKYGSVFSRLQGGGEVLYGSNVAAPTIFYKKNDPTPYKYPDDL
;
_entity_poly.pdbx_strand_id   A
#
loop_
_chem_comp.id
_chem_comp.type
_chem_comp.name
_chem_comp.formula
BMA D-saccharide, beta linking beta-D-mannopyranose 'C6 H12 O6'
CA non-polymer 'CALCIUM ION' 'Ca 2'
GOL non-polymer GLYCEROL 'C3 H8 O3'
MAN D-saccharide, alpha linking alpha-D-mannopyranose 'C6 H12 O6'
NAG D-saccharide, beta linking 2-acetamido-2-deoxy-beta-D-glucopyranose 'C8 H15 N O6'
#
# COMPACT_ATOMS: atom_id res chain seq x y z
N TYR A 24 12.89 -16.52 13.75
CA TYR A 24 13.08 -15.28 12.97
C TYR A 24 12.74 -13.89 13.57
N LEU A 25 13.20 -12.83 12.89
CA LEU A 25 13.07 -11.48 13.42
C LEU A 25 12.05 -10.72 12.60
N ARG A 26 11.25 -9.91 13.31
CA ARG A 26 10.24 -9.08 12.65
C ARG A 26 9.89 -7.88 13.50
N ASP A 27 9.17 -6.94 12.87
CA ASP A 27 8.63 -5.82 13.63
C ASP A 27 7.52 -6.31 14.56
N GLY A 28 7.61 -5.90 15.84
CA GLY A 28 6.68 -6.42 16.82
C GLY A 28 5.25 -5.90 16.70
N LYS A 29 5.07 -4.67 16.24
CA LYS A 29 3.69 -4.17 16.20
C LYS A 29 2.91 -4.75 15.02
N SER A 30 3.55 -4.82 13.85
CA SER A 30 2.95 -5.30 12.60
C SER A 30 3.18 -6.77 12.34
N ASN A 31 4.18 -7.35 12.99
CA ASN A 31 4.63 -8.72 12.76
C ASN A 31 5.18 -8.90 11.35
N LEU A 32 5.62 -7.82 10.70
CA LEU A 32 6.20 -7.92 9.36
C LEU A 32 7.72 -7.89 9.41
N VAL A 33 8.33 -8.75 8.58
CA VAL A 33 9.77 -8.74 8.40
CA VAL A 33 9.77 -8.74 8.42
C VAL A 33 10.25 -7.53 7.60
N SER A 34 9.38 -6.92 6.80
CA SER A 34 9.70 -5.66 6.11
CA SER A 34 9.70 -5.66 6.14
C SER A 34 8.57 -4.70 6.43
N LYS A 35 8.89 -3.59 7.08
CA LYS A 35 7.88 -2.68 7.59
C LYS A 35 8.16 -1.27 7.11
N VAL A 36 7.19 -0.68 6.42
CA VAL A 36 7.29 0.74 6.04
C VAL A 36 6.86 1.60 7.21
N VAL A 37 7.72 2.56 7.56
CA VAL A 37 7.49 3.50 8.65
C VAL A 37 7.32 4.88 8.03
N GLU A 38 6.15 5.49 8.26
CA GLU A 38 5.92 6.86 7.85
C GLU A 38 5.98 7.72 9.10
N LEU A 39 6.92 8.68 9.10
CA LEU A 39 7.09 9.56 10.25
C LEU A 39 6.12 10.71 10.07
N HIS A 40 5.15 10.83 10.98
CA HIS A 40 4.28 11.99 10.96
C HIS A 40 4.56 12.96 12.07
N GLY A 41 5.50 12.65 12.93
CA GLY A 41 5.87 13.50 14.04
C GLY A 41 7.34 13.31 14.28
N GLU A 42 7.84 13.74 15.43
CA GLU A 42 9.27 13.72 15.62
C GLU A 42 9.79 12.36 16.06
N THR A 43 8.94 11.46 16.56
CA THR A 43 9.42 10.16 16.98
C THR A 43 8.41 9.09 16.56
N TYR A 44 8.94 7.87 16.41
CA TYR A 44 8.16 6.68 16.10
C TYR A 44 8.67 5.54 16.95
N ALA A 45 7.78 4.92 17.71
CA ALA A 45 8.19 3.86 18.63
C ALA A 45 7.60 2.51 18.24
N THR A 46 8.41 1.46 18.34
CA THR A 46 7.92 0.10 18.04
C THR A 46 8.75 -0.89 18.86
N THR A 47 8.58 -2.18 18.59
CA THR A 47 9.49 -3.17 19.15
C THR A 47 10.05 -4.01 18.02
N VAL A 48 11.22 -4.57 18.22
CA VAL A 48 11.77 -5.59 17.35
C VAL A 48 11.58 -6.91 18.07
N LYS A 49 11.01 -7.89 17.38
CA LYS A 49 10.59 -9.13 18.00
C LYS A 49 11.31 -10.32 17.38
N MET A 50 11.92 -11.14 18.23
N MET A 50 11.98 -11.12 18.22
CA MET A 50 12.48 -12.43 17.84
CA MET A 50 12.47 -12.42 17.78
C MET A 50 11.53 -13.53 18.26
C MET A 50 11.50 -13.51 18.24
N GLY A 51 11.02 -14.27 17.27
CA GLY A 51 10.23 -15.46 17.58
C GLY A 51 11.07 -16.59 18.14
N LEU A 52 10.51 -17.36 19.04
CA LEU A 52 11.29 -18.44 19.66
C LEU A 52 10.67 -19.75 19.25
N SER A 53 11.53 -20.73 19.00
CA SER A 53 11.08 -22.05 18.61
C SER A 53 10.74 -23.00 19.76
N LYS A 54 11.26 -22.75 20.96
CA LYS A 54 10.98 -23.56 22.14
C LYS A 54 10.61 -22.67 23.30
N THR A 55 9.98 -23.25 24.32
CA THR A 55 9.70 -22.47 25.50
C THR A 55 11.06 -22.10 26.07
N PRO A 56 11.35 -20.84 26.33
CA PRO A 56 12.66 -20.50 26.86
C PRO A 56 12.86 -20.92 28.30
N ASN A 57 14.14 -20.96 28.66
CA ASN A 57 14.78 -21.18 29.95
C ASN A 57 15.50 -19.93 30.47
N THR A 58 16.16 -20.11 31.61
CA THR A 58 16.81 -18.99 32.25
C THR A 58 17.96 -18.51 31.40
N ALA A 59 18.45 -19.31 30.46
CA ALA A 59 19.59 -18.90 29.66
C ALA A 59 19.22 -18.31 28.32
N THR A 60 17.96 -18.39 27.89
CA THR A 60 17.61 -17.82 26.58
C THR A 60 17.90 -16.33 26.54
N SER A 61 18.61 -15.90 25.51
CA SER A 61 18.99 -14.49 25.41
C SER A 61 19.34 -14.18 23.97
N ALA A 62 19.24 -12.90 23.61
CA ALA A 62 19.73 -12.44 22.31
C ALA A 62 19.75 -10.92 22.33
N LYS A 63 20.51 -10.33 21.39
CA LYS A 63 20.49 -8.89 21.18
C LYS A 63 20.21 -8.58 19.70
N VAL A 64 19.87 -7.33 19.44
CA VAL A 64 19.76 -6.82 18.08
C VAL A 64 20.66 -5.59 17.91
N LYS A 65 21.05 -5.34 16.66
CA LYS A 65 21.90 -4.24 16.27
C LYS A 65 21.49 -3.82 14.86
N ILE A 66 21.77 -2.55 14.53
CA ILE A 66 21.68 -2.15 13.12
C ILE A 66 22.83 -2.80 12.37
N ASP A 67 22.53 -3.39 11.22
CA ASP A 67 23.55 -4.09 10.40
C ASP A 67 23.69 -3.34 9.09
N ALA A 68 24.51 -2.29 9.12
CA ALA A 68 24.64 -1.45 7.93
C ALA A 68 25.17 -2.25 6.75
N ALA A 69 26.06 -3.21 7.00
CA ALA A 69 26.64 -3.97 5.90
C ALA A 69 25.59 -4.76 5.13
N TYR A 70 24.52 -5.19 5.80
CA TYR A 70 23.48 -5.96 5.15
C TYR A 70 22.68 -5.13 4.14
N LEU A 71 22.69 -3.78 4.26
CA LEU A 71 21.92 -2.97 3.32
C LEU A 71 22.40 -3.15 1.89
N GLU A 72 23.71 -3.32 1.68
CA GLU A 72 24.19 -3.54 0.31
C GLU A 72 23.60 -4.84 -0.25
N THR A 73 23.57 -5.89 0.56
CA THR A 73 23.00 -7.18 0.16
C THR A 73 21.52 -7.07 -0.15
N TYR A 74 20.81 -6.33 0.69
CA TYR A 74 19.38 -6.16 0.51
C TYR A 74 19.08 -5.41 -0.80
N ASN A 75 19.79 -4.29 -1.00
CA ASN A 75 19.57 -3.49 -2.19
C ASN A 75 19.89 -4.28 -3.45
N LYS A 76 20.94 -5.13 -3.41
CA LYS A 76 21.26 -5.94 -4.58
C LYS A 76 20.14 -6.94 -4.89
N ALA A 77 19.62 -7.59 -3.83
CA ALA A 77 18.59 -8.61 -3.99
C ALA A 77 17.29 -8.00 -4.53
N HIS A 78 16.96 -6.77 -4.14
CA HIS A 78 15.71 -6.17 -4.57
C HIS A 78 15.85 -5.17 -5.72
N ASN A 79 17.07 -4.96 -6.22
CA ASN A 79 17.31 -3.93 -7.24
C ASN A 79 16.76 -2.58 -6.76
N THR A 80 17.04 -2.27 -5.49
CA THR A 80 16.65 -1.01 -4.88
C THR A 80 17.92 -0.24 -4.53
N ASP A 81 17.73 0.99 -4.04
N ASP A 81 17.74 1.03 -4.16
CA ASP A 81 18.86 1.89 -3.81
CA ASP A 81 18.87 1.87 -3.79
C ASP A 81 18.73 2.62 -2.47
C ASP A 81 18.49 2.72 -2.57
N PHE A 82 18.00 2.04 -1.52
CA PHE A 82 17.72 2.75 -0.29
C PHE A 82 19.02 3.18 0.41
N ALA A 83 19.01 4.43 0.91
CA ALA A 83 20.09 4.92 1.75
C ALA A 83 19.88 4.48 3.20
N LEU A 84 20.97 4.43 3.95
CA LEU A 84 20.92 4.04 5.35
C LEU A 84 20.36 5.21 6.17
N TYR A 85 19.31 4.95 6.97
CA TYR A 85 18.80 5.99 7.86
C TYR A 85 19.89 6.34 8.88
N PRO A 86 20.09 7.62 9.22
CA PRO A 86 21.18 7.97 10.17
C PRO A 86 21.09 7.15 11.46
N GLN A 87 22.17 6.42 11.77
CA GLN A 87 22.11 5.49 12.90
C GLN A 87 21.92 6.24 14.22
N ASP A 88 22.38 7.49 14.29
CA ASP A 88 22.21 8.24 15.53
C ASP A 88 20.74 8.57 15.82
N LEU A 89 19.86 8.43 14.84
CA LEU A 89 18.45 8.71 15.04
C LEU A 89 17.66 7.50 15.51
N VAL A 90 18.32 6.35 15.67
CA VAL A 90 17.69 5.09 16.03
C VAL A 90 18.25 4.64 17.37
N THR A 91 17.36 4.33 18.32
CA THR A 91 17.78 3.92 19.65
CA THR A 91 17.75 3.95 19.67
C THR A 91 17.02 2.67 20.05
N PHE A 92 17.75 1.72 20.65
CA PHE A 92 17.13 0.55 21.23
C PHE A 92 17.18 0.70 22.74
N ALA A 93 16.13 0.23 23.42
CA ALA A 93 16.21 0.15 24.86
C ALA A 93 17.20 -0.93 25.26
N ASN A 94 17.73 -0.80 26.47
N ASN A 94 17.72 -0.82 26.48
CA ASN A 94 18.47 -1.90 27.10
CA ASN A 94 18.48 -1.90 27.10
C ASN A 94 19.66 -2.33 26.26
C ASN A 94 19.67 -2.34 26.25
N GLU A 95 20.29 -1.39 25.56
CA GLU A 95 21.46 -1.70 24.75
C GLU A 95 21.16 -2.72 23.66
N GLY A 96 19.89 -2.84 23.23
CA GLY A 96 19.48 -3.81 22.23
C GLY A 96 19.30 -5.22 22.72
N ILE A 97 19.37 -5.45 24.05
CA ILE A 97 19.18 -6.78 24.63
C ILE A 97 17.70 -7.11 24.61
N LEU A 98 17.34 -8.29 24.15
CA LEU A 98 15.93 -8.65 24.03
C LEU A 98 15.39 -9.22 25.36
N THR A 99 14.23 -8.73 25.77
CA THR A 99 13.52 -9.24 26.94
C THR A 99 12.66 -10.45 26.55
N VAL A 100 12.92 -11.61 27.13
CA VAL A 100 12.22 -12.83 26.76
C VAL A 100 10.87 -12.91 27.45
N ASN A 101 9.82 -13.25 26.68
CA ASN A 101 8.49 -13.53 27.23
C ASN A 101 8.20 -15.02 27.04
N ALA A 102 8.44 -15.80 28.09
CA ALA A 102 8.31 -17.26 27.98
C ALA A 102 6.90 -17.68 27.61
N ASN A 103 5.90 -16.90 28.02
CA ASN A 103 4.52 -17.29 27.80
C ASN A 103 4.07 -17.08 26.36
N THR A 104 4.78 -16.23 25.61
CA THR A 104 4.41 -15.97 24.22
C THR A 104 5.48 -16.43 23.22
N LYS A 105 6.45 -17.22 23.65
CA LYS A 105 7.46 -17.74 22.74
C LYS A 105 8.11 -16.63 21.90
N SER A 106 8.52 -15.54 22.56
CA SER A 106 9.07 -14.41 21.83
C SER A 106 9.98 -13.63 22.78
N ALA A 107 10.76 -12.73 22.20
CA ALA A 107 11.63 -11.86 22.95
C ALA A 107 11.67 -10.59 22.13
N GLU A 108 11.73 -9.45 22.82
N GLU A 108 11.69 -9.44 22.81
CA GLU A 108 11.46 -8.16 22.20
CA GLU A 108 11.55 -8.19 22.08
C GLU A 108 12.30 -7.07 22.84
C GLU A 108 12.24 -7.06 22.83
N VAL A 109 12.57 -6.03 22.06
CA VAL A 109 13.18 -4.81 22.59
C VAL A 109 12.54 -3.60 21.94
N GLU A 110 12.35 -2.55 22.73
CA GLU A 110 11.78 -1.32 22.19
C GLU A 110 12.81 -0.62 21.29
N MET A 111 12.33 -0.08 20.18
CA MET A 111 13.16 0.69 19.24
C MET A 111 12.47 2.03 18.97
N THR A 112 13.22 3.14 19.06
CA THR A 112 12.66 4.44 18.74
C THR A 112 13.37 5.03 17.51
N ILE A 113 12.60 5.51 16.56
CA ILE A 113 13.09 6.20 15.37
C ILE A 113 12.75 7.68 15.53
N ARG A 114 13.76 8.53 15.57
CA ARG A 114 13.59 9.98 15.64
C ARG A 114 13.66 10.60 14.25
N ALA A 115 12.83 11.62 14.00
CA ALA A 115 12.95 12.37 12.77
C ALA A 115 14.20 13.24 12.90
N GLY A 116 14.93 13.37 11.80
CA GLY A 116 16.19 14.08 11.77
C GLY A 116 16.18 15.30 10.88
N GLU A 117 17.31 15.97 10.87
CA GLU A 117 17.51 17.14 10.05
C GLU A 117 18.44 16.67 8.93
N GLY A 118 18.37 17.37 7.81
CA GLY A 118 19.27 17.07 6.72
C GLY A 118 18.82 15.85 5.94
N LEU A 119 17.65 15.31 6.26
CA LEU A 119 17.01 14.27 5.48
C LEU A 119 16.27 14.90 4.30
N GLN A 120 15.97 14.06 3.31
CA GLN A 120 15.36 14.53 2.08
C GLN A 120 13.89 14.09 2.07
N GLU A 121 13.01 15.02 1.72
CA GLU A 121 11.63 14.67 1.41
C GLU A 121 11.61 13.69 0.24
N ASP A 122 10.70 12.75 0.31
CA ASP A 122 10.32 11.88 -0.79
C ASP A 122 11.44 10.88 -1.11
N LYS A 123 12.12 10.41 -0.08
CA LYS A 123 13.22 9.47 -0.19
C LYS A 123 13.01 8.41 0.87
N THR A 124 13.15 7.13 0.50
CA THR A 124 12.99 6.02 1.47
C THR A 124 14.36 5.62 2.00
N TYR A 125 14.51 5.58 3.31
CA TYR A 125 15.72 5.19 3.99
C TYR A 125 15.50 3.82 4.63
N ALA A 126 16.57 3.14 4.96
CA ALA A 126 16.51 1.79 5.51
C ALA A 126 17.17 1.67 6.89
N ILE A 127 16.54 0.91 7.76
CA ILE A 127 17.14 0.44 9.00
C ILE A 127 17.15 -1.08 8.96
N PRO A 128 18.27 -1.69 8.56
CA PRO A 128 18.39 -3.15 8.60
C PRO A 128 18.77 -3.57 10.00
N VAL A 129 17.98 -4.45 10.61
CA VAL A 129 18.25 -4.87 11.98
C VAL A 129 18.61 -6.35 11.98
N ALA A 130 19.64 -6.74 12.75
CA ALA A 130 20.09 -8.14 12.80
C ALA A 130 20.05 -8.66 14.23
N ILE A 131 19.69 -9.95 14.41
CA ILE A 131 19.96 -10.67 15.66
C ILE A 131 21.45 -10.89 15.87
N SER A 132 21.91 -10.80 17.12
CA SER A 132 23.28 -11.19 17.44
CA SER A 132 23.30 -11.15 17.45
C SER A 132 23.38 -11.72 18.86
N ASP A 133 24.47 -12.44 19.14
CA ASP A 133 24.75 -12.97 20.47
C ASP A 133 23.62 -13.84 21.02
N GLN A 134 22.95 -14.59 20.16
CA GLN A 134 21.87 -15.41 20.68
C GLN A 134 22.40 -16.64 21.43
N SER A 135 21.62 -17.07 22.43
CA SER A 135 21.86 -18.25 23.25
C SER A 135 21.69 -19.52 22.40
N SER A 136 22.23 -20.65 22.90
CA SER A 136 22.24 -21.85 22.07
C SER A 136 20.85 -22.47 21.89
N ASP A 137 19.86 -22.09 22.69
CA ASP A 137 18.50 -22.58 22.44
C ASP A 137 17.86 -21.96 21.20
N ILE A 138 18.45 -20.91 20.62
CA ILE A 138 17.87 -20.30 19.45
C ILE A 138 18.63 -20.85 18.26
N THR A 139 17.89 -21.28 17.23
CA THR A 139 18.44 -21.73 15.95
C THR A 139 18.01 -20.67 14.96
N ILE A 140 18.95 -20.11 14.20
CA ILE A 140 18.61 -19.19 13.12
C ILE A 140 18.88 -19.87 11.78
N LYS A 141 17.79 -20.16 11.04
CA LYS A 141 17.88 -21.03 9.86
C LYS A 141 18.75 -20.41 8.77
N ASP A 142 18.62 -19.11 8.51
CA ASP A 142 19.36 -18.51 7.41
C ASP A 142 19.55 -17.03 7.70
N GLU A 143 20.20 -16.33 6.76
CA GLU A 143 20.45 -14.92 6.99
C GLU A 143 19.16 -14.14 6.91
N ASP A 144 18.18 -14.66 6.18
CA ASP A 144 16.89 -13.99 6.13
C ASP A 144 16.23 -13.99 7.50
N ALA A 145 16.17 -15.13 8.18
CA ALA A 145 15.54 -15.14 9.49
C ALA A 145 16.31 -14.30 10.52
N LYS A 146 17.56 -13.98 10.23
CA LYS A 146 18.39 -13.20 11.13
CA LYS A 146 18.41 -13.20 11.11
C LYS A 146 18.14 -11.70 11.03
N HIS A 147 17.48 -11.25 9.95
CA HIS A 147 17.28 -9.82 9.72
C HIS A 147 15.81 -9.45 9.58
N CYS A 148 15.46 -8.22 9.96
CA CYS A 148 14.27 -7.54 9.47
C CYS A 148 14.67 -6.15 8.98
N ILE A 149 13.75 -5.46 8.34
CA ILE A 149 14.11 -4.14 7.79
C ILE A 149 12.96 -3.17 7.99
N TYR A 150 13.30 -1.95 8.36
CA TYR A 150 12.36 -0.84 8.39
C TYR A 150 12.69 0.08 7.22
N LEU A 151 11.67 0.45 6.47
CA LEU A 151 11.80 1.35 5.34
C LEU A 151 11.15 2.67 5.74
N VAL A 152 11.96 3.69 5.98
CA VAL A 152 11.53 4.91 6.69
C VAL A 152 11.32 6.03 5.69
N LYS A 153 10.18 6.71 5.78
CA LYS A 153 9.87 7.90 4.97
C LYS A 153 9.50 9.08 5.87
N ASP A 154 10.08 10.25 5.60
CA ASP A 154 9.69 11.41 6.39
C ASP A 154 8.41 11.99 5.78
N MET A 155 7.28 11.90 6.50
CA MET A 155 6.02 12.40 5.98
C MET A 155 5.51 13.61 6.78
N ARG A 156 6.38 14.24 7.55
CA ARG A 156 5.92 15.30 8.45
C ARG A 156 5.33 16.45 7.64
N ASN A 157 5.91 16.76 6.47
CA ASN A 157 5.35 17.90 5.70
C ASN A 157 4.30 17.54 4.68
N ALA A 158 4.06 16.26 4.44
CA ALA A 158 3.14 15.77 3.42
C ALA A 158 2.02 15.21 4.26
N GLY A 159 1.60 16.04 5.22
CA GLY A 159 0.64 15.70 6.27
C GLY A 159 -0.84 15.97 6.13
N ASP A 160 -1.32 16.36 4.97
N ASP A 160 -1.32 16.38 4.95
CA ASP A 160 -2.70 16.87 4.91
CA ASP A 160 -2.69 16.86 4.85
C ASP A 160 -3.76 15.78 4.78
C ASP A 160 -3.72 15.73 4.91
N ALA A 161 -3.39 14.57 4.39
CA ALA A 161 -4.27 13.40 4.39
C ALA A 161 -4.20 12.61 5.68
N TYR A 162 -3.29 12.95 6.59
CA TYR A 162 -3.08 12.13 7.79
C TYR A 162 -4.05 12.58 8.84
N LYS A 163 -5.03 11.70 9.12
CA LYS A 163 -6.10 12.05 10.05
C LYS A 163 -5.92 11.43 11.42
N GLY A 164 -4.78 10.83 11.72
CA GLY A 164 -4.58 10.39 13.08
C GLY A 164 -4.27 8.89 13.12
N GLU A 165 -3.80 8.46 14.27
CA GLU A 165 -3.48 7.06 14.52
C GLU A 165 -4.75 6.22 14.67
N GLY A 166 -4.83 5.15 13.89
CA GLY A 166 -5.85 4.14 13.97
C GLY A 166 -7.20 4.43 13.34
N VAL A 167 -7.35 5.55 12.69
CA VAL A 167 -8.58 5.88 12.00
C VAL A 167 -8.71 5.08 10.71
N MET A 168 -9.93 4.98 10.22
CA MET A 168 -10.20 4.44 8.88
C MET A 168 -9.63 5.41 7.83
N GLN A 169 -9.26 4.85 6.70
CA GLN A 169 -8.63 5.59 5.60
C GLN A 169 -9.41 5.37 4.31
N GLY A 170 -9.31 6.34 3.40
CA GLY A 170 -10.02 6.31 2.15
C GLY A 170 -9.19 5.87 0.96
N TYR A 171 -9.85 5.16 0.04
CA TYR A 171 -9.22 4.63 -1.16
C TYR A 171 -10.10 4.94 -2.36
N LEU A 172 -9.62 5.75 -3.31
CA LEU A 172 -10.49 6.28 -4.35
C LEU A 172 -9.92 5.97 -5.74
N PHE A 173 -10.76 5.44 -6.62
CA PHE A 173 -10.39 5.24 -8.03
C PHE A 173 -10.93 6.38 -8.86
N PHE A 174 -10.06 7.00 -9.70
CA PHE A 174 -10.53 7.92 -10.72
C PHE A 174 -10.55 7.26 -12.08
N GLU A 175 -11.63 7.44 -12.84
CA GLU A 175 -11.71 7.06 -14.24
CA GLU A 175 -11.67 7.02 -14.24
C GLU A 175 -11.00 8.16 -15.00
N VAL A 176 -9.68 8.01 -15.17
CA VAL A 176 -8.92 9.11 -15.73
C VAL A 176 -9.18 9.34 -17.22
N ASN A 177 -9.92 8.44 -17.87
CA ASN A 177 -10.39 8.73 -19.20
C ASN A 177 -11.22 10.02 -19.18
N ASP A 178 -11.92 10.28 -18.05
CA ASP A 178 -12.91 11.36 -17.99
C ASP A 178 -12.60 12.41 -16.92
N VAL A 179 -11.93 12.05 -15.83
CA VAL A 179 -11.87 12.91 -14.66
C VAL A 179 -10.42 13.18 -14.23
N ASN A 180 -10.12 14.44 -13.98
CA ASN A 180 -8.80 14.86 -13.48
C ASN A 180 -8.64 14.38 -12.02
N PRO A 181 -7.58 13.64 -11.68
CA PRO A 181 -7.42 13.19 -10.28
C PRO A 181 -7.14 14.31 -9.28
N LEU A 182 -6.81 15.53 -9.75
CA LEU A 182 -6.73 16.67 -8.81
C LEU A 182 -8.05 16.87 -8.09
N ASN A 183 -9.15 16.33 -8.60
CA ASN A 183 -10.41 16.40 -7.84
C ASN A 183 -10.36 15.72 -6.48
N THR A 184 -9.32 14.92 -6.20
CA THR A 184 -9.08 14.45 -4.84
C THR A 184 -9.15 15.64 -3.88
N LEU A 185 -8.62 16.81 -4.31
CA LEU A 185 -8.53 18.01 -3.44
C LEU A 185 -9.88 18.67 -3.18
N SER A 186 -10.92 18.25 -3.89
CA SER A 186 -12.29 18.74 -3.62
C SER A 186 -12.85 18.18 -2.33
N PHE A 187 -12.23 17.16 -1.77
CA PHE A 187 -12.80 16.40 -0.64
C PHE A 187 -12.00 16.66 0.63
N GLN A 188 -12.48 17.57 1.51
CA GLN A 188 -11.81 17.83 2.78
C GLN A 188 -12.84 17.73 3.88
N LEU A 189 -12.38 17.39 5.07
CA LEU A 189 -13.22 17.52 6.26
C LEU A 189 -13.35 18.99 6.67
N GLU A 190 -14.34 19.25 7.52
N GLU A 190 -14.33 19.22 7.54
CA GLU A 190 -14.46 20.61 8.00
CA GLU A 190 -14.50 20.56 8.08
C GLU A 190 -13.19 21.06 8.72
C GLU A 190 -13.24 21.03 8.78
N ASN A 191 -12.46 20.11 9.34
CA ASN A 191 -11.22 20.47 10.03
C ASN A 191 -10.04 20.67 9.07
N GLY A 192 -10.30 20.64 7.76
CA GLY A 192 -9.36 20.90 6.69
C GLY A 192 -8.58 19.71 6.17
N LYS A 193 -8.59 18.55 6.84
CA LYS A 193 -7.89 17.34 6.40
C LYS A 193 -8.46 16.78 5.09
N LEU A 194 -7.58 16.21 4.23
CA LEU A 194 -8.06 15.57 3.02
C LEU A 194 -8.66 14.20 3.36
N LEU A 195 -9.83 13.90 2.75
CA LEU A 195 -10.54 12.65 3.03
C LEU A 195 -9.82 11.41 2.47
N TRP A 196 -9.31 11.48 1.26
CA TRP A 196 -8.87 10.29 0.49
C TRP A 196 -7.35 10.04 0.59
N ASP A 197 -6.98 9.06 1.43
CA ASP A 197 -5.58 8.74 1.71
C ASP A 197 -4.84 8.19 0.50
N VAL A 198 -5.54 7.39 -0.31
CA VAL A 198 -4.96 6.68 -1.43
C VAL A 198 -5.88 6.91 -2.63
N VAL A 199 -5.30 7.25 -3.81
CA VAL A 199 -6.06 7.37 -5.05
C VAL A 199 -5.45 6.49 -6.13
N VAL A 200 -6.29 5.95 -7.01
CA VAL A 200 -5.83 5.07 -8.10
C VAL A 200 -6.10 5.74 -9.43
N LEU A 201 -5.11 5.77 -10.29
CA LEU A 201 -5.30 6.22 -11.66
C LEU A 201 -5.81 5.03 -12.48
N PHE A 202 -7.11 4.97 -12.70
CA PHE A 202 -7.74 3.79 -13.34
C PHE A 202 -7.99 4.10 -14.82
N ALA A 203 -7.29 3.41 -15.75
CA ALA A 203 -6.26 2.37 -15.44
C ALA A 203 -5.36 2.26 -16.63
N ALA A 204 -4.06 2.01 -16.36
CA ALA A 204 -3.18 1.44 -17.35
C ALA A 204 -3.56 -0.01 -17.57
N ASN A 205 -3.04 -0.57 -18.65
CA ASN A 205 -3.42 -1.93 -19.03
C ASN A 205 -2.23 -2.87 -19.10
N ILE A 206 -2.50 -4.17 -18.93
CA ILE A 206 -1.58 -5.22 -19.40
C ILE A 206 -2.02 -5.66 -20.79
N ASN A 207 -1.06 -5.72 -21.71
CA ASN A 207 -1.33 -6.15 -23.09
C ASN A 207 -0.10 -6.89 -23.60
N TYR A 208 -0.27 -7.67 -24.68
CA TYR A 208 0.82 -8.44 -25.26
C TYR A 208 1.67 -7.54 -26.14
N ASP A 209 2.99 -7.63 -25.96
CA ASP A 209 3.96 -6.95 -26.82
C ASP A 209 4.56 -8.00 -27.75
N ALA A 210 4.14 -7.98 -29.01
CA ALA A 210 4.61 -8.99 -29.98
C ALA A 210 6.11 -8.90 -30.23
N GLU A 211 6.67 -7.70 -30.36
CA GLU A 211 8.11 -7.63 -30.63
C GLU A 211 8.94 -8.27 -29.52
N ALA A 212 8.46 -8.26 -28.27
CA ALA A 212 9.17 -8.90 -27.17
C ALA A 212 8.63 -10.28 -26.78
N GLY A 213 7.47 -10.68 -27.30
CA GLY A 213 6.85 -11.95 -26.93
C GLY A 213 6.50 -12.06 -25.47
N ARG A 214 6.19 -10.92 -24.85
CA ARG A 214 5.92 -10.85 -23.42
C ARG A 214 4.86 -9.77 -23.18
N PRO A 215 4.19 -9.82 -22.06
CA PRO A 215 3.33 -8.69 -21.68
C PRO A 215 4.10 -7.39 -21.46
N ARG A 216 3.36 -6.28 -21.58
CA ARG A 216 3.89 -4.97 -21.27
C ARG A 216 2.79 -4.15 -20.64
N VAL A 217 3.19 -3.09 -19.95
CA VAL A 217 2.26 -2.04 -19.54
C VAL A 217 1.88 -1.23 -20.78
N GLN A 218 0.56 -1.06 -21.04
CA GLN A 218 0.10 -0.26 -22.17
C GLN A 218 -0.77 0.86 -21.60
N CYS A 219 -0.41 2.12 -21.90
CA CYS A 219 -1.13 3.27 -21.34
C CYS A 219 -1.88 3.90 -22.50
N ASN A 220 -3.21 4.06 -22.34
CA ASN A 220 -4.00 4.79 -23.34
C ASN A 220 -3.62 6.27 -23.30
N PRO A 221 -4.04 7.06 -24.29
CA PRO A 221 -3.55 8.45 -24.35
C PRO A 221 -3.91 9.25 -23.15
N ASN A 222 -5.00 8.91 -22.47
CA ASN A 222 -5.34 9.69 -21.28
C ASN A 222 -4.42 9.37 -20.12
N VAL A 223 -4.15 8.08 -19.90
CA VAL A 223 -3.20 7.69 -18.88
C VAL A 223 -1.82 8.28 -19.19
N GLN A 224 -1.41 8.15 -20.45
CA GLN A 224 -0.08 8.64 -20.85
C GLN A 224 0.03 10.14 -20.64
N TYR A 225 -1.04 10.89 -20.93
CA TYR A 225 -0.99 12.35 -20.71
C TYR A 225 -0.76 12.65 -19.23
N LEU A 226 -1.48 11.97 -18.34
CA LEU A 226 -1.30 12.18 -16.90
CA LEU A 226 -1.30 12.15 -16.89
C LEU A 226 0.15 11.90 -16.48
N LEU A 227 0.73 10.80 -16.95
CA LEU A 227 2.08 10.48 -16.56
C LEU A 227 3.05 11.51 -17.12
N ASP A 228 2.88 11.87 -18.39
CA ASP A 228 3.77 12.86 -18.98
C ASP A 228 3.72 14.14 -18.18
N ASN A 229 2.54 14.49 -17.66
CA ASN A 229 2.32 15.73 -16.91
C ASN A 229 2.21 15.46 -15.42
N ASN A 230 2.94 14.47 -14.91
CA ASN A 230 2.76 14.13 -13.50
C ASN A 230 3.16 15.32 -12.61
N GLU A 231 4.13 16.14 -13.02
N GLU A 231 4.14 16.12 -13.05
CA GLU A 231 4.54 17.20 -12.09
CA GLU A 231 4.54 17.25 -12.20
C GLU A 231 3.42 18.21 -11.83
C GLU A 231 3.35 18.09 -11.80
N THR A 232 2.47 18.38 -12.76
CA THR A 232 1.35 19.31 -12.47
C THR A 232 0.02 18.64 -12.11
N LEU A 233 -0.22 17.40 -12.54
CA LEU A 233 -1.53 16.77 -12.32
C LEU A 233 -1.49 15.65 -11.30
N LEU A 234 -0.31 15.18 -10.85
CA LEU A 234 -0.26 14.08 -9.87
C LEU A 234 0.58 14.44 -8.65
N GLN A 235 1.77 15.01 -8.88
CA GLN A 235 2.64 15.31 -7.73
C GLN A 235 2.01 16.29 -6.73
N PRO A 236 1.12 17.22 -7.12
CA PRO A 236 0.47 18.05 -6.08
C PRO A 236 -0.32 17.24 -5.09
N LEU A 237 -0.85 16.09 -5.50
CA LEU A 237 -1.53 15.23 -4.53
C LEU A 237 -0.53 14.64 -3.56
N ARG A 238 0.62 14.16 -4.08
CA ARG A 238 1.62 13.54 -3.23
C ARG A 238 2.22 14.55 -2.26
N ARG A 239 2.38 15.80 -2.71
CA ARG A 239 2.87 16.85 -1.83
C ARG A 239 2.00 17.02 -0.61
N ARG A 240 0.69 16.75 -0.73
CA ARG A 240 -0.15 16.88 0.44
C ARG A 240 -0.38 15.56 1.16
N GLY A 241 0.35 14.49 0.79
CA GLY A 241 0.31 13.26 1.55
C GLY A 241 -0.55 12.18 0.98
N VAL A 242 -1.20 12.42 -0.15
CA VAL A 242 -2.03 11.41 -0.79
C VAL A 242 -1.10 10.43 -1.48
N LYS A 243 -1.37 9.13 -1.33
CA LYS A 243 -0.58 8.16 -2.11
C LYS A 243 -1.26 8.00 -3.45
N VAL A 244 -0.48 8.08 -4.55
CA VAL A 244 -1.05 7.98 -5.90
C VAL A 244 -0.58 6.64 -6.49
N LEU A 245 -1.53 5.76 -6.79
CA LEU A 245 -1.18 4.45 -7.34
C LEU A 245 -1.57 4.38 -8.82
N LEU A 246 -0.78 3.60 -9.60
CA LEU A 246 -1.16 3.29 -10.96
C LEU A 246 -2.11 2.10 -10.96
N GLY A 247 -3.30 2.26 -11.55
CA GLY A 247 -4.15 1.10 -11.72
C GLY A 247 -3.67 0.30 -12.93
N LEU A 248 -3.69 -1.03 -12.78
CA LEU A 248 -3.46 -1.96 -13.88
C LEU A 248 -4.74 -2.79 -14.05
N LEU A 249 -5.10 -3.05 -15.30
CA LEU A 249 -6.35 -3.71 -15.67
C LEU A 249 -6.11 -4.53 -16.94
N GLY A 250 -6.75 -5.70 -16.98
CA GLY A 250 -6.74 -6.49 -18.21
C GLY A 250 -7.39 -5.74 -19.36
N ASN A 251 -7.12 -6.19 -20.59
CA ASN A 251 -7.50 -5.36 -21.73
C ASN A 251 -7.60 -6.16 -23.02
N HIS A 252 -8.31 -7.28 -22.96
CA HIS A 252 -8.87 -7.94 -24.12
C HIS A 252 -7.81 -8.53 -25.03
N ASP A 253 -6.79 -9.16 -24.42
CA ASP A 253 -5.91 -10.03 -25.21
C ASP A 253 -5.46 -11.18 -24.32
N ILE A 254 -4.47 -11.95 -24.81
CA ILE A 254 -4.04 -13.16 -24.10
C ILE A 254 -3.34 -12.90 -22.77
N THR A 255 -2.98 -11.65 -22.46
CA THR A 255 -2.29 -11.34 -21.22
C THR A 255 -3.29 -10.96 -20.12
N GLY A 256 -2.91 -11.23 -18.88
CA GLY A 256 -3.79 -10.86 -17.77
C GLY A 256 -3.05 -10.98 -16.46
N LEU A 257 -3.60 -10.28 -15.44
CA LEU A 257 -2.91 -10.15 -14.15
C LEU A 257 -2.96 -11.42 -13.30
N ALA A 258 -3.81 -12.38 -13.66
CA ALA A 258 -3.88 -13.63 -12.95
C ALA A 258 -3.47 -14.78 -13.83
N GLN A 259 -2.73 -14.52 -14.92
CA GLN A 259 -2.36 -15.63 -15.79
C GLN A 259 -0.92 -15.47 -16.30
N LEU A 260 -0.07 -14.85 -15.51
CA LEU A 260 1.36 -14.83 -15.84
C LEU A 260 2.05 -16.00 -15.15
N SER A 261 2.99 -16.63 -15.87
CA SER A 261 3.85 -17.63 -15.26
C SER A 261 4.77 -17.02 -14.20
N GLU A 262 5.52 -17.87 -13.49
CA GLU A 262 6.45 -17.33 -12.49
C GLU A 262 7.42 -16.37 -13.15
N GLN A 263 8.00 -16.79 -14.28
N GLN A 263 8.00 -16.78 -14.27
CA GLN A 263 8.94 -15.90 -14.96
CA GLN A 263 8.93 -15.91 -14.96
C GLN A 263 8.23 -14.68 -15.53
C GLN A 263 8.24 -14.69 -15.52
N GLY A 264 7.06 -14.88 -16.13
CA GLY A 264 6.32 -13.75 -16.67
C GLY A 264 5.94 -12.73 -15.61
N ALA A 265 5.58 -13.21 -14.42
CA ALA A 265 5.23 -12.32 -13.31
C ALA A 265 6.46 -11.58 -12.79
N LYS A 266 7.60 -12.25 -12.67
CA LYS A 266 8.82 -11.56 -12.23
C LYS A 266 9.11 -10.40 -13.20
N ASP A 267 9.04 -10.67 -14.50
CA ASP A 267 9.36 -9.64 -15.51
C ASP A 267 8.34 -8.50 -15.52
N PHE A 268 7.04 -8.82 -15.41
CA PHE A 268 6.04 -7.76 -15.45
C PHE A 268 6.11 -6.94 -14.17
N ALA A 269 6.37 -7.58 -13.03
CA ALA A 269 6.52 -6.85 -11.77
C ALA A 269 7.61 -5.79 -11.86
N ARG A 270 8.74 -6.13 -12.49
CA ARG A 270 9.85 -5.18 -12.65
C ARG A 270 9.43 -4.00 -13.52
N GLU A 271 8.64 -4.26 -14.57
CA GLU A 271 8.12 -3.16 -15.38
C GLU A 271 7.18 -2.26 -14.61
N VAL A 272 6.31 -2.83 -13.79
CA VAL A 272 5.41 -1.99 -12.97
C VAL A 272 6.23 -1.14 -12.02
N ALA A 273 7.23 -1.77 -11.36
CA ALA A 273 8.09 -1.01 -10.46
C ALA A 273 8.84 0.11 -11.19
N GLN A 274 9.27 -0.14 -12.42
CA GLN A 274 9.93 0.89 -13.20
C GLN A 274 8.99 2.07 -13.49
N TYR A 275 7.70 1.81 -13.76
CA TYR A 275 6.76 2.92 -13.95
C TYR A 275 6.63 3.74 -12.66
N CYS A 276 6.52 3.06 -11.53
CA CYS A 276 6.32 3.78 -10.30
C CYS A 276 7.58 4.57 -9.91
N LYS A 277 8.76 4.10 -10.32
CA LYS A 277 9.98 4.88 -10.08
C LYS A 277 10.05 6.06 -11.06
N ALA A 278 9.80 5.79 -12.34
CA ALA A 278 10.00 6.81 -13.38
C ALA A 278 9.08 8.01 -13.18
N TYR A 279 7.86 7.75 -12.76
CA TYR A 279 6.83 8.77 -12.58
C TYR A 279 6.61 9.11 -11.12
N ASN A 280 7.43 8.56 -10.23
CA ASN A 280 7.42 8.94 -8.81
C ASN A 280 6.04 8.77 -8.20
N LEU A 281 5.53 7.53 -8.29
CA LEU A 281 4.23 7.12 -7.77
C LEU A 281 4.42 6.23 -6.53
N ASP A 282 3.30 5.85 -5.91
CA ASP A 282 3.35 5.20 -4.61
C ASP A 282 2.97 3.72 -4.61
N GLY A 283 2.73 3.16 -5.78
CA GLY A 283 2.39 1.77 -5.88
C GLY A 283 1.34 1.51 -6.95
N VAL A 284 0.64 0.36 -6.78
CA VAL A 284 -0.20 -0.17 -7.85
C VAL A 284 -1.49 -0.73 -7.27
N ASN A 285 -2.54 -0.73 -8.09
CA ASN A 285 -3.74 -1.57 -7.89
C ASN A 285 -3.83 -2.58 -9.03
N TYR A 286 -4.07 -3.85 -8.71
CA TYR A 286 -4.31 -4.88 -9.70
C TYR A 286 -5.77 -5.28 -9.76
N ASP A 287 -6.33 -5.23 -10.97
CA ASP A 287 -7.73 -5.58 -11.26
C ASP A 287 -7.79 -6.58 -12.41
N ASP A 288 -8.10 -7.83 -12.07
CA ASP A 288 -8.14 -8.94 -13.01
C ASP A 288 -9.51 -8.97 -13.66
N GLU A 289 -9.66 -8.14 -14.69
CA GLU A 289 -10.86 -8.13 -15.52
C GLU A 289 -10.48 -7.84 -16.96
N TYR A 290 -11.29 -8.39 -17.88
CA TYR A 290 -11.33 -8.06 -19.31
C TYR A 290 -10.24 -8.79 -20.09
N SER A 291 -9.45 -9.66 -19.46
CA SER A 291 -8.48 -10.42 -20.26
C SER A 291 -9.15 -11.58 -20.99
N ASN A 292 -8.54 -11.99 -22.10
CA ASN A 292 -9.05 -13.19 -22.73
C ASN A 292 -8.20 -14.39 -22.30
N SER A 293 -8.51 -15.56 -22.86
CA SER A 293 -7.80 -16.76 -22.44
C SER A 293 -6.36 -16.68 -22.89
N PRO A 294 -5.43 -17.16 -22.07
CA PRO A 294 -4.00 -17.09 -22.43
C PRO A 294 -3.61 -18.10 -23.49
N ASP A 295 -2.51 -17.77 -24.17
CA ASP A 295 -1.79 -18.71 -25.03
C ASP A 295 -0.82 -19.49 -24.16
N LEU A 296 -1.21 -20.73 -23.81
CA LEU A 296 -0.43 -21.54 -22.89
C LEU A 296 0.92 -21.96 -23.47
N SER A 297 1.12 -21.80 -24.77
CA SER A 297 2.44 -22.10 -25.31
C SER A 297 3.43 -20.99 -25.05
N ASN A 298 2.97 -19.82 -24.61
CA ASN A 298 3.86 -18.71 -24.32
C ASN A 298 4.45 -18.84 -22.93
N PRO A 299 5.76 -18.84 -22.78
CA PRO A 299 6.38 -19.06 -21.47
C PRO A 299 6.11 -17.97 -20.45
N SER A 300 5.65 -16.80 -20.86
CA SER A 300 5.33 -15.77 -19.88
CA SER A 300 5.32 -15.74 -19.92
C SER A 300 3.94 -15.95 -19.28
N LEU A 301 3.15 -16.89 -19.82
CA LEU A 301 1.76 -17.06 -19.43
C LEU A 301 1.52 -18.42 -18.81
N THR A 302 0.37 -18.55 -18.15
CA THR A 302 0.01 -19.80 -17.51
C THR A 302 -1.51 -19.87 -17.38
N ASN A 303 -1.99 -20.99 -16.83
CA ASN A 303 -3.40 -21.14 -16.60
C ASN A 303 -3.88 -20.03 -15.67
N PRO A 304 -5.00 -19.36 -15.97
CA PRO A 304 -5.51 -18.32 -15.05
C PRO A 304 -5.84 -18.92 -13.70
N SER A 305 -5.38 -18.26 -12.62
CA SER A 305 -5.63 -18.78 -11.30
C SER A 305 -5.22 -17.79 -10.22
N THR A 306 -5.77 -18.00 -9.03
CA THR A 306 -5.40 -17.16 -7.88
CA THR A 306 -5.40 -17.12 -7.95
C THR A 306 -3.94 -17.32 -7.50
N ALA A 307 -3.35 -18.51 -7.76
CA ALA A 307 -1.94 -18.70 -7.43
C ALA A 307 -1.06 -17.84 -8.34
N ALA A 308 -1.44 -17.71 -9.63
CA ALA A 308 -0.65 -16.85 -10.52
C ALA A 308 -0.78 -15.38 -10.15
N ALA A 309 -1.99 -14.96 -9.75
CA ALA A 309 -2.22 -13.62 -9.27
C ALA A 309 -1.38 -13.32 -8.02
N ALA A 310 -1.36 -14.26 -7.07
CA ALA A 310 -0.58 -14.10 -5.84
C ALA A 310 0.90 -14.03 -6.18
N ARG A 311 1.35 -14.85 -7.11
CA ARG A 311 2.75 -14.75 -7.58
C ARG A 311 3.07 -13.34 -8.06
N LEU A 312 2.19 -12.75 -8.87
CA LEU A 312 2.49 -11.38 -9.34
C LEU A 312 2.54 -10.37 -8.18
N CYS A 313 1.60 -10.48 -7.25
CA CYS A 313 1.59 -9.55 -6.12
C CYS A 313 2.88 -9.67 -5.33
N TYR A 314 3.31 -10.91 -5.06
CA TYR A 314 4.53 -11.13 -4.32
C TYR A 314 5.74 -10.55 -5.06
N GLU A 315 5.84 -10.86 -6.37
CA GLU A 315 6.99 -10.34 -7.13
C GLU A 315 6.99 -8.82 -7.24
N THR A 316 5.79 -8.21 -7.31
CA THR A 316 5.71 -6.77 -7.36
C THR A 316 6.20 -6.17 -6.06
N LYS A 317 5.81 -6.75 -4.93
CA LYS A 317 6.31 -6.24 -3.66
C LYS A 317 7.81 -6.39 -3.53
N GLN A 318 8.38 -7.52 -4.00
CA GLN A 318 9.83 -7.67 -3.93
CA GLN A 318 9.82 -7.67 -3.94
C GLN A 318 10.51 -6.59 -4.75
N ALA A 319 9.87 -6.14 -5.84
CA ALA A 319 10.49 -5.13 -6.70
C ALA A 319 10.31 -3.71 -6.18
N MET A 320 9.29 -3.45 -5.35
CA MET A 320 9.10 -2.11 -4.79
C MET A 320 8.61 -2.27 -3.35
N PRO A 321 9.52 -2.71 -2.47
CA PRO A 321 9.09 -3.08 -1.12
C PRO A 321 8.63 -1.89 -0.32
N ASP A 322 9.03 -0.67 -0.69
N ASP A 322 9.04 -0.68 -0.71
CA ASP A 322 8.53 0.50 0.03
CA ASP A 322 8.59 0.53 -0.07
C ASP A 322 7.28 1.10 -0.62
C ASP A 322 7.20 0.98 -0.52
N LYS A 323 6.65 0.43 -1.59
CA LYS A 323 5.45 0.95 -2.19
C LYS A 323 4.29 -0.01 -1.99
N LEU A 324 3.08 0.52 -2.21
CA LEU A 324 1.86 -0.23 -1.89
C LEU A 324 1.54 -1.20 -3.04
N VAL A 325 1.24 -2.47 -2.68
CA VAL A 325 0.69 -3.46 -3.63
C VAL A 325 -0.73 -3.75 -3.17
N THR A 326 -1.70 -3.39 -4.01
CA THR A 326 -3.12 -3.45 -3.60
C THR A 326 -3.91 -4.18 -4.67
N VAL A 327 -5.02 -4.82 -4.27
N VAL A 327 -5.05 -4.76 -4.29
CA VAL A 327 -5.81 -5.52 -5.27
CA VAL A 327 -5.81 -5.62 -5.21
C VAL A 327 -7.28 -5.17 -5.13
C VAL A 327 -7.30 -5.33 -5.11
N PHE A 328 -7.98 -5.27 -6.26
CA PHE A 328 -9.46 -5.33 -6.29
C PHE A 328 -9.83 -6.79 -6.20
N ASP A 329 -10.69 -7.14 -5.19
CA ASP A 329 -11.13 -8.54 -5.07
C ASP A 329 -12.22 -8.92 -6.05
N TRP A 330 -11.80 -9.31 -7.25
CA TRP A 330 -12.70 -9.66 -8.34
C TRP A 330 -11.90 -10.62 -9.23
N GLY A 331 -12.59 -11.41 -10.00
CA GLY A 331 -11.87 -12.35 -10.86
C GLY A 331 -11.05 -13.30 -10.03
N GLN A 332 -9.84 -13.58 -10.50
CA GLN A 332 -8.95 -14.49 -9.81
C GLN A 332 -7.79 -13.74 -9.14
N MET A 333 -8.01 -12.48 -8.76
CA MET A 333 -6.88 -11.65 -8.28
C MET A 333 -6.49 -11.91 -6.83
N TYR A 334 -7.37 -12.51 -6.00
CA TYR A 334 -7.13 -12.54 -4.57
C TYR A 334 -7.60 -13.83 -3.95
N GLY A 335 -6.79 -14.38 -3.04
CA GLY A 335 -7.26 -15.55 -2.28
C GLY A 335 -6.19 -16.54 -1.87
N VAL A 336 -5.06 -16.61 -2.59
CA VAL A 336 -3.96 -17.49 -2.18
C VAL A 336 -3.09 -16.75 -1.17
N ALA A 337 -2.78 -17.41 -0.05
CA ALA A 337 -2.30 -16.66 1.09
C ALA A 337 -0.79 -16.78 1.34
N THR A 338 -0.07 -17.55 0.53
CA THR A 338 1.36 -17.73 0.69
C THR A 338 1.99 -17.89 -0.69
N VAL A 339 3.14 -17.27 -0.86
CA VAL A 339 3.97 -17.49 -2.05
C VAL A 339 5.39 -17.74 -1.58
N ASP A 340 5.96 -18.90 -1.99
CA ASP A 340 7.34 -19.22 -1.63
C ASP A 340 7.55 -19.14 -0.12
N GLY A 341 6.55 -19.60 0.64
CA GLY A 341 6.63 -19.57 2.10
C GLY A 341 6.44 -18.19 2.75
N VAL A 342 6.06 -17.18 1.98
CA VAL A 342 5.92 -15.82 2.50
C VAL A 342 4.44 -15.48 2.59
N ASP A 343 3.98 -15.07 3.78
CA ASP A 343 2.58 -14.79 3.98
C ASP A 343 2.12 -13.50 3.29
N ALA A 344 0.85 -13.50 2.87
CA ALA A 344 0.22 -12.38 2.17
C ALA A 344 0.30 -11.04 2.94
N LYS A 345 0.42 -11.07 4.27
CA LYS A 345 0.58 -9.79 4.97
C LYS A 345 1.79 -9.01 4.45
N GLU A 346 2.79 -9.74 3.94
CA GLU A 346 4.01 -9.08 3.47
C GLU A 346 3.89 -8.48 2.08
N TRP A 347 2.87 -8.85 1.30
CA TRP A 347 2.78 -8.42 -0.08
C TRP A 347 1.38 -7.99 -0.58
N ILE A 348 0.34 -7.98 0.29
CA ILE A 348 -0.92 -7.29 -0.01
C ILE A 348 -1.11 -6.22 1.05
N ASP A 349 -0.94 -4.97 0.67
CA ASP A 349 -1.11 -3.91 1.65
C ASP A 349 -2.56 -3.54 1.87
N ILE A 350 -3.37 -3.53 0.80
CA ILE A 350 -4.79 -3.16 0.87
C ILE A 350 -5.55 -4.02 -0.11
N VAL A 351 -6.71 -4.56 0.32
CA VAL A 351 -7.60 -5.23 -0.62
C VAL A 351 -8.95 -4.53 -0.52
N VAL A 352 -9.50 -4.19 -1.68
CA VAL A 352 -10.82 -3.54 -1.73
C VAL A 352 -11.79 -4.44 -2.49
N ALA A 353 -13.05 -4.44 -2.07
CA ALA A 353 -13.98 -5.40 -2.63
C ALA A 353 -14.96 -4.79 -3.61
N ASN A 354 -15.67 -5.66 -4.29
CA ASN A 354 -16.71 -5.26 -5.23
C ASN A 354 -17.82 -4.48 -4.49
N TYR A 355 -18.50 -3.63 -5.24
CA TYR A 355 -19.58 -2.82 -4.68
C TYR A 355 -20.63 -3.69 -4.00
N GLY A 356 -20.96 -3.33 -2.76
CA GLY A 356 -21.90 -4.10 -1.97
C GLY A 356 -21.27 -5.13 -1.04
N SER A 357 -19.98 -5.37 -1.10
CA SER A 357 -19.36 -6.35 -0.23
CA SER A 357 -19.29 -6.36 -0.30
C SER A 357 -18.23 -5.69 0.57
N ALA A 358 -17.80 -6.41 1.60
CA ALA A 358 -16.63 -6.05 2.39
C ALA A 358 -15.54 -7.02 2.02
N ALA A 359 -14.30 -6.52 1.99
CA ALA A 359 -13.18 -7.44 1.75
C ALA A 359 -12.88 -8.32 2.97
N TYR A 360 -12.12 -9.42 2.74
CA TYR A 360 -11.81 -10.26 3.89
C TYR A 360 -10.29 -10.49 3.85
N PRO A 361 -9.65 -10.66 5.02
CA PRO A 361 -8.20 -10.91 5.05
C PRO A 361 -7.87 -12.36 4.80
N ILE A 362 -6.67 -12.58 4.27
CA ILE A 362 -6.13 -13.95 4.12
C ILE A 362 -4.76 -14.05 4.80
N GLY A 363 -4.30 -15.28 5.01
CA GLY A 363 -3.01 -15.44 5.69
C GLY A 363 -3.06 -14.81 7.07
N GLN A 364 -2.06 -13.99 7.36
CA GLN A 364 -2.01 -13.28 8.63
C GLN A 364 -2.46 -11.84 8.50
N MET A 365 -3.09 -11.47 7.38
CA MET A 365 -3.69 -10.14 7.30
C MET A 365 -4.80 -10.01 8.33
N THR A 366 -5.13 -8.76 8.64
CA THR A 366 -6.29 -8.43 9.46
C THR A 366 -7.26 -7.59 8.67
N LYS A 367 -8.43 -7.32 9.27
N LYS A 367 -8.42 -7.32 9.27
CA LYS A 367 -9.33 -6.45 8.53
CA LYS A 367 -9.34 -6.43 8.59
C LYS A 367 -8.81 -5.01 8.47
C LYS A 367 -8.81 -5.01 8.48
N LYS A 368 -7.70 -4.69 9.15
CA LYS A 368 -7.14 -3.35 8.95
C LYS A 368 -6.61 -3.17 7.52
N GLN A 369 -6.36 -4.26 6.80
CA GLN A 369 -5.94 -4.20 5.40
CA GLN A 369 -5.94 -4.17 5.40
C GLN A 369 -7.11 -4.21 4.42
N CYS A 370 -8.36 -4.26 4.91
CA CYS A 370 -9.55 -4.51 4.10
C CYS A 370 -10.50 -3.34 4.07
N SER A 371 -11.16 -3.18 2.92
CA SER A 371 -12.32 -2.27 2.82
C SER A 371 -13.58 -2.84 3.50
N GLY A 372 -14.31 -1.97 4.22
CA GLY A 372 -15.61 -2.36 4.79
C GLY A 372 -16.81 -1.88 3.96
N ILE A 373 -16.57 -1.03 2.96
CA ILE A 373 -17.57 -0.53 2.02
C ILE A 373 -16.86 -0.17 0.73
N SER A 374 -17.55 -0.39 -0.42
CA SER A 374 -17.09 0.07 -1.73
C SER A 374 -18.28 0.75 -2.39
N MET A 375 -18.09 2.01 -2.79
CA MET A 375 -19.16 2.86 -3.29
C MET A 375 -18.91 3.13 -4.76
N GLU A 376 -19.88 2.76 -5.60
N GLU A 376 -19.88 2.76 -5.61
CA GLU A 376 -19.82 3.03 -7.03
CA GLU A 376 -19.82 3.03 -7.04
C GLU A 376 -20.46 4.40 -7.21
C GLU A 376 -20.46 4.40 -7.20
N PHE A 377 -19.62 5.43 -7.33
CA PHE A 377 -20.11 6.80 -7.37
C PHE A 377 -20.72 7.16 -8.71
N ASN A 378 -20.36 6.44 -9.77
CA ASN A 378 -20.89 6.79 -11.09
CA ASN A 378 -20.87 6.77 -11.09
C ASN A 378 -22.24 6.15 -11.35
N LEU A 379 -22.45 4.93 -10.86
CA LEU A 379 -23.72 4.23 -11.09
C LEU A 379 -24.62 4.12 -9.88
N GLY A 380 -24.10 4.26 -8.64
CA GLY A 380 -24.94 4.40 -7.47
C GLY A 380 -24.91 3.25 -6.46
N GLY A 381 -24.42 2.07 -6.81
CA GLY A 381 -24.50 0.94 -5.88
C GLY A 381 -23.44 0.97 -4.73
N GLY A 382 -23.64 0.14 -3.69
CA GLY A 382 -22.63 -0.09 -2.66
C GLY A 382 -22.88 0.63 -1.35
N GLY A 383 -23.90 1.50 -1.31
CA GLY A 383 -24.28 2.16 -0.08
C GLY A 383 -23.60 3.50 0.11
N SER A 384 -23.69 3.96 1.35
CA SER A 384 -23.20 5.27 1.75
C SER A 384 -22.33 5.20 2.98
N LEU A 385 -21.41 6.17 3.09
CA LEU A 385 -20.53 6.34 4.25
C LEU A 385 -21.26 7.18 5.30
N SER A 386 -22.35 6.58 5.83
CA SER A 386 -23.21 7.21 6.82
C SER A 386 -22.61 7.09 8.23
N ALA A 387 -23.20 7.81 9.18
CA ALA A 387 -22.77 7.63 10.57
C ALA A 387 -22.90 6.16 11.03
N SER A 388 -24.05 5.53 10.73
CA SER A 388 -24.26 4.13 11.10
CA SER A 388 -24.29 4.11 11.05
C SER A 388 -23.23 3.21 10.46
N LYS A 389 -22.97 3.40 9.18
CA LYS A 389 -22.04 2.51 8.50
C LYS A 389 -20.64 2.74 9.01
N ALA A 390 -20.27 4.00 9.23
CA ALA A 390 -18.95 4.24 9.81
C ALA A 390 -18.75 3.50 11.12
N GLN A 391 -19.72 3.60 12.04
CA GLN A 391 -19.53 2.92 13.31
C GLN A 391 -19.49 1.41 13.14
N SER A 392 -20.34 0.86 12.25
CA SER A 392 -20.31 -0.58 12.00
C SER A 392 -18.93 -1.02 11.49
N MET A 393 -18.33 -0.21 10.63
CA MET A 393 -17.02 -0.60 10.11
C MET A 393 -15.93 -0.54 11.17
N ILE A 394 -15.97 0.48 12.01
CA ILE A 394 -15.03 0.56 13.12
C ILE A 394 -15.20 -0.65 14.03
N ASP A 395 -16.45 -0.98 14.37
CA ASP A 395 -16.72 -2.10 15.24
C ASP A 395 -16.21 -3.39 14.63
N GLY A 396 -16.26 -3.50 13.30
CA GLY A 396 -15.76 -4.68 12.61
C GLY A 396 -14.27 -4.77 12.39
N GLY A 397 -13.55 -3.71 12.76
CA GLY A 397 -12.09 -3.63 12.61
C GLY A 397 -11.59 -3.33 11.21
N TYR A 398 -12.44 -2.80 10.33
CA TYR A 398 -11.98 -2.49 8.96
C TYR A 398 -11.07 -1.27 8.91
N GLY A 399 -10.11 -1.33 8.00
CA GLY A 399 -9.15 -0.22 7.83
C GLY A 399 -9.52 0.80 6.77
N TRP A 400 -10.39 0.45 5.84
CA TRP A 400 -10.54 1.22 4.60
C TRP A 400 -11.99 1.36 4.19
N PHE A 401 -12.32 2.49 3.53
CA PHE A 401 -13.51 2.63 2.71
C PHE A 401 -13.13 3.00 1.30
N MET A 402 -13.81 2.41 0.33
CA MET A 402 -13.43 2.59 -1.06
C MET A 402 -14.51 3.29 -1.87
N GLY A 403 -14.09 4.13 -2.79
CA GLY A 403 -15.01 4.73 -3.74
C GLY A 403 -14.47 4.64 -5.16
N PHE A 404 -15.39 4.60 -6.13
CA PHE A 404 -15.06 4.44 -7.54
C PHE A 404 -15.74 5.45 -8.44
N ALA A 405 -14.94 6.20 -9.22
CA ALA A 405 -15.41 7.01 -10.35
C ALA A 405 -16.27 8.20 -9.88
N PRO A 406 -15.79 8.99 -8.94
CA PRO A 406 -16.47 10.26 -8.67
C PRO A 406 -16.23 11.21 -9.82
N SER A 407 -17.12 12.20 -10.00
CA SER A 407 -16.93 13.20 -11.03
CA SER A 407 -16.89 13.22 -11.00
C SER A 407 -17.57 14.50 -10.58
N PRO A 408 -17.04 15.65 -10.98
CA PRO A 408 -17.64 16.90 -10.55
C PRO A 408 -19.11 17.01 -10.92
N ALA A 409 -19.52 16.53 -12.09
CA ALA A 409 -20.93 16.60 -12.51
C ALA A 409 -21.88 15.84 -11.57
N LYS A 410 -21.35 14.87 -10.82
CA LYS A 410 -22.14 14.07 -9.89
C LYS A 410 -21.79 14.36 -8.43
N TYR A 411 -21.18 15.53 -8.14
CA TYR A 411 -20.79 15.83 -6.77
C TYR A 411 -22.01 15.90 -5.84
N GLY A 412 -23.17 16.32 -6.34
CA GLY A 412 -24.37 16.30 -5.50
C GLY A 412 -24.62 14.95 -4.89
N SER A 413 -24.58 13.90 -5.73
CA SER A 413 -24.78 12.53 -5.27
CA SER A 413 -24.81 12.56 -5.21
C SER A 413 -23.60 12.05 -4.44
N VAL A 414 -22.36 12.32 -4.92
CA VAL A 414 -21.19 11.80 -4.24
C VAL A 414 -21.15 12.32 -2.82
N PHE A 415 -21.29 13.62 -2.65
CA PHE A 415 -21.12 14.15 -1.31
C PHE A 415 -22.31 13.78 -0.42
N SER A 416 -23.48 13.62 -1.01
CA SER A 416 -24.62 13.15 -0.22
CA SER A 416 -24.61 13.17 -0.20
C SER A 416 -24.32 11.79 0.40
N ARG A 417 -23.59 10.95 -0.33
CA ARG A 417 -23.25 9.64 0.20
C ARG A 417 -22.10 9.68 1.21
N LEU A 418 -21.56 10.87 1.54
CA LEU A 418 -20.49 11.00 2.53
C LEU A 418 -20.98 11.77 3.77
N GLN A 419 -22.26 12.07 3.84
CA GLN A 419 -22.75 12.83 4.98
CA GLN A 419 -22.80 12.81 4.97
C GLN A 419 -22.81 11.95 6.23
N GLY A 420 -22.39 12.53 7.34
CA GLY A 420 -22.42 11.85 8.63
C GLY A 420 -21.24 10.97 8.97
N GLY A 421 -20.64 10.29 7.98
CA GLY A 421 -19.62 9.31 8.34
C GLY A 421 -18.37 9.94 8.94
N GLY A 422 -17.97 11.11 8.43
CA GLY A 422 -16.74 11.73 8.88
C GLY A 422 -16.79 12.12 10.34
N GLU A 423 -17.97 12.57 10.82
CA GLU A 423 -18.04 12.86 12.25
C GLU A 423 -17.74 11.60 13.07
N VAL A 424 -18.21 10.42 12.63
CA VAL A 424 -17.91 9.22 13.40
C VAL A 424 -16.43 8.81 13.25
N LEU A 425 -15.89 8.85 12.02
CA LEU A 425 -14.54 8.36 11.79
C LEU A 425 -13.48 9.28 12.33
N TYR A 426 -13.73 10.58 12.34
CA TYR A 426 -12.67 11.60 12.53
C TYR A 426 -13.07 12.71 13.46
N GLY A 427 -14.32 12.77 13.90
CA GLY A 427 -14.80 13.93 14.63
C GLY A 427 -14.99 15.16 13.76
N SER A 428 -15.06 15.00 12.44
CA SER A 428 -15.25 16.15 11.56
C SER A 428 -15.90 15.64 10.27
N ASN A 429 -17.08 16.17 9.92
CA ASN A 429 -17.75 15.74 8.70
C ASN A 429 -17.04 16.23 7.44
N VAL A 430 -17.30 15.56 6.33
CA VAL A 430 -16.85 16.02 5.03
C VAL A 430 -17.49 17.38 4.72
N ALA A 431 -16.68 18.33 4.23
CA ALA A 431 -17.25 19.65 3.91
C ALA A 431 -17.86 19.63 2.50
N ALA A 432 -18.89 20.50 2.30
CA ALA A 432 -19.45 20.64 0.96
C ALA A 432 -18.36 21.10 -0.01
N PRO A 433 -18.34 20.61 -1.25
CA PRO A 433 -17.26 21.02 -2.16
C PRO A 433 -17.42 22.45 -2.66
N THR A 434 -16.27 23.13 -2.79
CA THR A 434 -16.21 24.45 -3.36
C THR A 434 -15.28 24.62 -4.57
N ILE A 435 -14.50 23.60 -4.93
CA ILE A 435 -13.53 23.67 -6.04
C ILE A 435 -13.70 22.36 -6.81
N PHE A 436 -13.49 22.42 -8.12
CA PHE A 436 -13.33 21.20 -8.90
C PHE A 436 -12.32 21.49 -10.00
N TYR A 437 -11.87 20.42 -10.65
CA TYR A 437 -10.89 20.51 -11.72
C TYR A 437 -11.46 19.86 -12.98
N LYS A 438 -11.16 20.48 -14.12
CA LYS A 438 -11.50 19.98 -15.44
C LYS A 438 -10.38 19.05 -15.94
N LYS A 439 -10.74 18.16 -16.85
CA LYS A 439 -9.77 17.19 -17.35
C LYS A 439 -8.53 17.88 -17.93
N ASN A 440 -7.35 17.42 -17.50
CA ASN A 440 -6.05 17.82 -18.02
C ASN A 440 -5.70 19.26 -17.74
N ASP A 441 -6.43 19.89 -16.84
CA ASP A 441 -6.33 21.32 -16.56
C ASP A 441 -5.96 21.47 -15.08
N PRO A 442 -4.84 22.15 -14.75
CA PRO A 442 -4.45 22.33 -13.35
C PRO A 442 -5.20 23.43 -12.60
N THR A 443 -6.08 24.16 -13.24
CA THR A 443 -6.75 25.34 -12.63
C THR A 443 -7.86 24.90 -11.68
N PRO A 444 -7.88 25.38 -10.44
CA PRO A 444 -9.03 25.10 -9.57
C PRO A 444 -10.18 26.04 -9.92
N TYR A 445 -11.30 25.45 -10.39
CA TYR A 445 -12.55 26.11 -10.76
C TYR A 445 -13.49 26.12 -9.57
N LYS A 446 -14.43 27.09 -9.58
CA LYS A 446 -15.41 27.20 -8.49
C LYS A 446 -16.52 26.19 -8.68
N TYR A 447 -16.80 25.36 -7.60
CA TYR A 447 -17.94 24.45 -7.60
C TYR A 447 -19.11 25.11 -6.89
N PRO A 448 -20.34 25.14 -7.44
CA PRO A 448 -20.75 24.54 -8.73
C PRO A 448 -20.81 25.51 -9.91
N ASP A 449 -20.49 26.76 -9.65
CA ASP A 449 -20.74 27.84 -10.60
C ASP A 449 -20.07 27.56 -11.94
N ASP A 450 -18.88 26.99 -11.93
CA ASP A 450 -18.13 26.82 -13.17
C ASP A 450 -18.46 25.51 -13.88
N LEU A 451 -19.42 24.76 -13.34
CA LEU A 451 -19.93 23.48 -13.88
C LEU A 451 -19.17 22.25 -13.37
C1 NAG B . -15.67 -3.21 -12.08
C2 NAG B . -14.33 -2.68 -12.63
C3 NAG B . -14.45 -1.55 -13.67
C4 NAG B . -15.88 -1.24 -14.09
C5 NAG B . -16.62 -0.97 -12.80
C6 NAG B . -18.06 -0.48 -13.00
C7 NAG B . -13.59 -1.59 -10.55
C8 NAG B . -12.43 -1.34 -9.61
N2 NAG B . -13.34 -2.37 -11.60
O1 NAG B . -16.10 -4.25 -12.91
O3 NAG B . -13.65 -1.92 -14.80
O4 NAG B . -15.91 -0.02 -14.85
O5 NAG B . -16.71 -2.20 -12.11
O6 NAG B . -18.78 -1.47 -13.75
O7 NAG B . -14.68 -1.04 -10.39
C1 BMA B . -16.62 -0.03 -16.04
C2 BMA B . -16.65 1.36 -16.67
C3 BMA B . -17.53 1.24 -17.90
C4 BMA B . -16.98 0.20 -18.86
C5 BMA B . -16.83 -1.14 -18.14
C6 BMA B . -16.12 -2.17 -18.98
O2 BMA B . -15.34 1.78 -17.08
O3 BMA B . -17.50 2.45 -18.67
O4 BMA B . -17.93 0.04 -19.93
O5 BMA B . -16.05 -0.98 -16.92
O6 BMA B . -14.85 -1.64 -19.40
C1 MAN B . -14.06 -2.55 -20.13
C2 MAN B . -12.69 -1.90 -20.30
C3 MAN B . -12.83 -0.61 -21.10
C4 MAN B . -13.50 -0.90 -22.45
C5 MAN B . -14.85 -1.60 -22.20
C6 MAN B . -15.52 -2.04 -23.48
O2 MAN B . -11.84 -2.80 -20.98
O3 MAN B . -11.53 -0.05 -21.37
O4 MAN B . -13.70 0.28 -23.20
O5 MAN B . -14.63 -2.78 -21.42
O6 MAN B . -14.61 -2.88 -24.18
C1 MAN B . -11.38 1.37 -21.35
C2 MAN B . -10.04 1.70 -21.97
C3 MAN B . -8.92 1.08 -21.14
C4 MAN B . -9.03 1.60 -19.70
C5 MAN B . -10.42 1.35 -19.13
C6 MAN B . -10.63 2.09 -17.81
O2 MAN B . -9.90 3.13 -22.01
O3 MAN B . -7.66 1.41 -21.70
O4 MAN B . -8.08 0.94 -18.88
O5 MAN B . -11.45 1.85 -20.02
O6 MAN B . -11.97 1.92 -17.38
C1 MAN B . -15.03 -3.41 -25.43
C2 MAN B . -13.91 -4.32 -25.93
C3 MAN B . -12.71 -3.51 -26.37
C4 MAN B . -13.12 -2.39 -27.33
C5 MAN B . -14.24 -1.57 -26.73
C6 MAN B . -14.78 -0.54 -27.71
O2 MAN B . -14.34 -5.09 -27.05
O3 MAN B . -11.78 -4.38 -26.99
O4 MAN B . -12.02 -1.53 -27.57
O5 MAN B . -15.35 -2.41 -26.39
O6 MAN B . -15.73 0.31 -27.06
C1 MAN B . -18.55 3.34 -18.43
C2 MAN B . -18.61 4.31 -19.58
C3 MAN B . -17.36 5.18 -19.60
C4 MAN B . -17.15 5.80 -18.23
C5 MAN B . -17.17 4.77 -17.10
C6 MAN B . -17.16 5.41 -15.73
O2 MAN B . -19.76 5.13 -19.45
O3 MAN B . -17.48 6.20 -20.59
O4 MAN B . -15.90 6.52 -18.21
O5 MAN B . -18.39 4.02 -17.18
O6 MAN B . -17.05 4.45 -14.69
C1 GOL C . -19.97 -6.94 -11.68
O1 GOL C . -20.63 -7.36 -12.92
C2 GOL C . -18.50 -6.77 -12.09
O2 GOL C . -18.49 -6.04 -13.29
C3 GOL C . -17.71 -6.12 -10.97
O3 GOL C . -18.10 -4.77 -10.85
H11 GOL C . -20.04 -7.59 -10.96
H12 GOL C . -20.31 -6.11 -11.32
HO1 GOL C . -21.27 -6.82 -13.05
H2 GOL C . -18.07 -7.63 -12.24
HO2 GOL C . -17.82 -6.31 -13.74
H31 GOL C . -16.76 -6.22 -11.17
H32 GOL C . -17.86 -6.63 -10.16
HO3 GOL C . -18.49 -4.69 -10.11
CA CA D . 2.74 20.59 4.51
CA CA E . -18.51 -3.79 -13.12
#